data_6P1E
#
_entry.id   6P1E
#
_cell.length_a   55.407
_cell.length_b   60.486
_cell.length_c   76.836
_cell.angle_alpha   90.000
_cell.angle_beta   90.000
_cell.angle_gamma   90.000
#
_symmetry.space_group_name_H-M   'P 21 21 21'
#
loop_
_entity.id
_entity.type
_entity.pdbx_description
1 polymer PmoF1
2 non-polymer 'THIOCYANATE ION'
3 non-polymer 'COPPER (II) ION'
4 water water
#
_entity_poly.entity_id   1
_entity_poly.type   'polypeptide(L)'
_entity_poly.pdbx_seq_one_letter_code
;SMHEYDVGKLKVEHPWLRAPADGEKNASFYAFIHNNGDTPDKLVAVKVEKFGSAVIHGDAKNLALEAPVLLPPKQKITLA
PGGAYVALLDAKKHLEVGWGLEMTLVFEKAGEVVIDAAIDAPD
;
_entity_poly.pdbx_strand_id   A,B
#
loop_
_chem_comp.id
_chem_comp.type
_chem_comp.name
_chem_comp.formula
CU non-polymer 'COPPER (II) ION' 'Cu 2'
SCN non-polymer 'THIOCYANATE ION' 'C N S -1'
#
# COMPACT_ATOMS: atom_id res chain seq x y z
N MET A 2 -7.52 -0.24 -10.14
CA MET A 2 -7.44 -0.23 -8.68
C MET A 2 -8.85 -0.30 -8.09
N HIS A 3 -9.01 -1.08 -7.02
CA HIS A 3 -10.30 -1.21 -6.37
C HIS A 3 -10.43 -0.20 -5.23
N GLU A 4 -11.53 0.53 -5.27
CA GLU A 4 -11.87 1.47 -4.20
C GLU A 4 -13.31 1.24 -3.80
N TYR A 5 -13.55 1.29 -2.49
CA TYR A 5 -14.86 0.99 -1.93
C TYR A 5 -15.32 2.10 -1.01
N ASP A 6 -16.55 2.55 -1.21
CA ASP A 6 -17.16 3.54 -0.35
C ASP A 6 -18.24 2.92 0.52
N VAL A 7 -18.20 3.21 1.80
CA VAL A 7 -19.30 2.86 2.70
C VAL A 7 -19.42 3.98 3.72
N GLY A 8 -20.62 4.54 3.84
CA GLY A 8 -20.80 5.74 4.62
C GLY A 8 -19.83 6.79 4.09
N LYS A 9 -19.08 7.40 5.00
CA LYS A 9 -18.08 8.38 4.62
C LYS A 9 -16.68 7.76 4.66
N LEU A 10 -16.61 6.44 4.71
CA LEU A 10 -15.33 5.74 4.64
C LEU A 10 -14.98 5.35 3.22
N LYS A 11 -13.69 5.33 2.93
CA LYS A 11 -13.20 4.83 1.66
C LYS A 11 -12.08 3.82 1.92
N VAL A 12 -12.22 2.62 1.36
CA VAL A 12 -11.21 1.58 1.42
C VAL A 12 -10.54 1.46 0.07
N GLU A 13 -9.24 1.71 0.05
CA GLU A 13 -8.49 1.77 -1.19
C GLU A 13 -7.43 0.69 -1.28
N HIS A 14 -7.37 0.06 -2.46
CA HIS A 14 -6.36 -0.92 -2.79
C HIS A 14 -6.09 -1.94 -1.69
N PRO A 15 -7.15 -2.63 -1.22
CA PRO A 15 -6.92 -3.73 -0.29
C PRO A 15 -6.06 -4.80 -0.93
N TRP A 16 -5.10 -5.31 -0.17
CA TRP A 16 -4.20 -6.32 -0.69
C TRP A 16 -3.65 -7.19 0.42
N LEU A 17 -3.04 -8.30 0.03
CA LEU A 17 -2.42 -9.18 1.01
C LEU A 17 -1.14 -9.78 0.47
N ARG A 18 -0.25 -10.13 1.39
CA ARG A 18 0.96 -10.84 1.03
C ARG A 18 0.66 -12.31 1.26
N ALA A 19 0.75 -13.09 0.18
CA ALA A 19 0.37 -14.49 0.22
C ALA A 19 1.20 -15.25 1.24
N PRO A 20 0.66 -16.38 1.75
CA PRO A 20 1.42 -17.16 2.72
C PRO A 20 2.77 -17.61 2.20
N ALA A 21 3.80 -17.48 3.03
CA ALA A 21 5.09 -18.03 2.68
C ALA A 21 4.99 -19.54 2.79
N ASP A 22 4.37 -20.16 1.79
CA ASP A 22 4.15 -21.61 1.79
C ASP A 22 5.54 -22.23 1.85
N GLY A 23 5.79 -23.17 2.76
CA GLY A 23 4.81 -23.94 3.51
C GLY A 23 3.91 -23.37 4.61
N GLU A 24 4.04 -22.10 4.98
CA GLU A 24 3.15 -21.56 6.02
C GLU A 24 1.77 -21.25 5.44
N LYS A 25 0.77 -21.21 6.33
CA LYS A 25 -0.62 -21.07 5.91
C LYS A 25 -1.25 -19.75 6.36
N ASN A 26 -0.43 -18.82 6.83
CA ASN A 26 -0.91 -17.54 7.29
C ASN A 26 -0.57 -16.44 6.29
N ALA A 27 -1.49 -15.50 6.12
CA ALA A 27 -1.25 -14.35 5.26
C ALA A 27 -1.47 -13.07 6.05
N SER A 28 -1.03 -11.95 5.48
CA SER A 28 -1.20 -10.64 6.09
C SER A 28 -1.97 -9.74 5.14
N PHE A 29 -2.99 -9.09 5.68
CA PHE A 29 -3.88 -8.24 4.88
C PHE A 29 -3.63 -6.77 5.19
N TYR A 30 -3.63 -5.97 4.13
CA TYR A 30 -3.25 -4.57 4.15
C TYR A 30 -4.25 -3.75 3.34
N ALA A 31 -4.33 -2.46 3.64
CA ALA A 31 -5.27 -1.57 2.95
C ALA A 31 -5.00 -0.13 3.36
N PHE A 32 -5.60 0.80 2.61
CA PHE A 32 -5.62 2.19 2.99
C PHE A 32 -7.05 2.58 3.28
N ILE A 33 -7.31 3.05 4.49
CA ILE A 33 -8.67 3.38 4.90
C ILE A 33 -8.79 4.86 5.24
N HIS A 34 -9.65 5.54 4.52
CA HIS A 34 -9.90 6.95 4.72
C HIS A 34 -11.25 7.17 5.39
N ASN A 35 -11.24 7.89 6.52
CA ASN A 35 -12.50 8.34 7.11
C ASN A 35 -12.67 9.82 6.80
N ASN A 36 -13.51 10.08 5.79
CA ASN A 36 -13.74 11.45 5.33
C ASN A 36 -14.96 12.10 5.97
N GLY A 37 -15.49 11.44 7.00
CA GLY A 37 -16.65 11.95 7.75
C GLY A 37 -16.23 12.60 9.06
N ASP A 38 -17.20 13.18 9.76
CA ASP A 38 -16.94 13.86 11.03
C ASP A 38 -17.26 12.99 12.24
N THR A 39 -17.51 11.71 12.00
CA THR A 39 -17.76 10.76 13.08
C THR A 39 -16.75 9.62 13.02
N PRO A 40 -16.35 9.09 14.20
CA PRO A 40 -15.38 7.99 14.20
C PRO A 40 -16.01 6.65 13.80
N ASP A 41 -15.18 5.72 13.38
CA ASP A 41 -15.61 4.35 13.14
C ASP A 41 -14.46 3.43 13.53
N LYS A 42 -14.68 2.13 13.39
CA LYS A 42 -13.65 1.14 13.71
C LYS A 42 -13.78 -0.06 12.79
N LEU A 43 -12.67 -0.60 12.33
CA LEU A 43 -12.67 -1.92 11.70
C LEU A 43 -12.60 -2.95 12.81
N VAL A 44 -13.68 -3.71 13.01
CA VAL A 44 -13.78 -4.60 14.16
C VAL A 44 -13.65 -6.09 13.80
N ALA A 45 -13.93 -6.44 12.56
CA ALA A 45 -13.83 -7.82 12.14
C ALA A 45 -13.61 -7.93 10.63
N VAL A 46 -13.04 -9.07 10.25
CA VAL A 46 -12.84 -9.41 8.85
C VAL A 46 -13.27 -10.87 8.67
N LYS A 47 -14.08 -11.11 7.65
CA LYS A 47 -14.53 -12.45 7.33
C LYS A 47 -13.97 -12.86 5.98
N VAL A 48 -13.45 -14.09 5.92
CA VAL A 48 -12.81 -14.60 4.72
C VAL A 48 -13.10 -16.09 4.64
N GLU A 49 -13.68 -16.53 3.53
CA GLU A 49 -14.09 -17.93 3.42
C GLU A 49 -12.90 -18.86 3.19
N LYS A 50 -11.85 -18.39 2.52
CA LYS A 50 -10.72 -19.26 2.18
C LYS A 50 -9.72 -19.42 3.33
N PHE A 51 -9.92 -18.68 4.43
CA PHE A 51 -9.09 -18.83 5.61
C PHE A 51 -9.94 -19.24 6.81
N GLY A 52 -9.30 -19.85 7.80
CA GLY A 52 -10.00 -20.29 9.01
C GLY A 52 -10.52 -19.12 9.82
N SER A 53 -9.68 -18.11 10.00
CA SER A 53 -10.08 -16.92 10.75
C SER A 53 -9.22 -15.71 10.39
N ALA A 54 -9.67 -14.55 10.84
CA ALA A 54 -8.93 -13.30 10.65
C ALA A 54 -8.83 -12.58 11.98
N VAL A 55 -7.61 -12.13 12.29
CA VAL A 55 -7.32 -11.45 13.56
C VAL A 55 -6.80 -10.04 13.27
N ILE A 56 -7.47 -9.03 13.78
CA ILE A 56 -7.04 -7.66 13.55
C ILE A 56 -5.99 -7.22 14.58
N HIS A 57 -4.90 -6.64 14.08
CA HIS A 57 -3.85 -6.08 14.90
C HIS A 57 -3.79 -4.60 14.55
N GLY A 58 -4.71 -3.84 15.12
CA GLY A 58 -4.96 -2.48 14.67
C GLY A 58 -4.30 -1.41 15.51
N ASP A 59 -3.55 -1.83 16.52
CA ASP A 59 -2.84 -0.89 17.39
C ASP A 59 -1.37 -0.83 16.99
N ALA A 60 -1.00 0.25 16.31
CA ALA A 60 0.35 0.41 15.78
C ALA A 60 1.40 0.40 16.88
N LYS A 61 1.01 0.80 18.09
CA LYS A 61 1.95 0.86 19.21
C LYS A 61 2.26 -0.51 19.80
N ASN A 62 1.35 -1.46 19.63
CA ASN A 62 1.58 -2.83 20.08
C ASN A 62 1.00 -3.82 19.08
N LEU A 63 1.82 -4.28 18.14
CA LEU A 63 1.34 -5.08 17.03
C LEU A 63 0.99 -6.51 17.45
N ALA A 64 1.41 -6.90 18.66
CA ALA A 64 1.04 -8.21 19.19
C ALA A 64 -0.40 -8.23 19.68
N LEU A 65 -0.91 -7.07 20.08
CA LEU A 65 -2.23 -6.99 20.67
C LEU A 65 -3.31 -7.17 19.60
N GLU A 66 -4.31 -7.98 19.92
CA GLU A 66 -5.50 -8.06 19.08
C GLU A 66 -6.36 -6.86 19.43
N ALA A 67 -6.60 -6.02 18.43
CA ALA A 67 -7.32 -4.77 18.64
C ALA A 67 -7.90 -4.26 17.33
N PRO A 68 -9.06 -3.60 17.39
CA PRO A 68 -9.65 -3.04 16.17
C PRO A 68 -8.80 -1.92 15.59
N VAL A 69 -9.00 -1.60 14.32
CA VAL A 69 -8.39 -0.42 13.72
C VAL A 69 -9.30 0.76 13.99
N LEU A 70 -8.84 1.70 14.80
CA LEU A 70 -9.61 2.90 15.07
C LEU A 70 -9.50 3.85 13.89
N LEU A 71 -10.64 4.44 13.52
CA LEU A 71 -10.72 5.32 12.36
C LEU A 71 -11.29 6.68 12.77
N PRO A 72 -10.44 7.54 13.33
CA PRO A 72 -10.89 8.87 13.74
C PRO A 72 -11.38 9.70 12.55
N PRO A 73 -12.28 10.66 12.81
CA PRO A 73 -12.82 11.48 11.73
C PRO A 73 -11.78 12.31 11.00
N LYS A 74 -11.97 12.48 9.69
CA LYS A 74 -11.10 13.30 8.84
C LYS A 74 -9.65 12.86 8.90
N GLN A 75 -9.45 11.55 9.03
CA GLN A 75 -8.11 10.98 9.05
C GLN A 75 -8.08 9.71 8.23
N LYS A 76 -6.89 9.32 7.82
CA LYS A 76 -6.67 8.09 7.10
C LYS A 76 -5.71 7.21 7.87
N ILE A 77 -5.86 5.90 7.71
CA ILE A 77 -5.02 4.92 8.37
C ILE A 77 -4.45 3.97 7.33
N THR A 78 -3.15 3.72 7.43
CA THR A 78 -2.48 2.75 6.57
C THR A 78 -2.27 1.45 7.30
N LEU A 79 -2.78 0.37 6.73
CA LEU A 79 -2.38 -0.96 7.15
C LEU A 79 -1.34 -1.41 6.14
N ALA A 80 -0.11 -1.60 6.61
CA ALA A 80 1.00 -1.94 5.72
C ALA A 80 2.02 -2.79 6.46
N PRO A 81 2.88 -3.50 5.72
CA PRO A 81 3.92 -4.32 6.36
C PRO A 81 4.71 -3.53 7.39
N GLY A 82 4.89 -4.11 8.58
CA GLY A 82 5.64 -3.46 9.64
C GLY A 82 4.76 -2.67 10.59
N GLY A 83 3.51 -2.46 10.20
CA GLY A 83 2.56 -1.70 11.01
C GLY A 83 1.28 -2.47 11.25
N ALA A 84 0.21 -1.75 11.54
CA ALA A 84 -1.10 -2.36 11.76
C ALA A 84 -1.50 -3.17 10.54
N TYR A 85 -2.19 -4.28 10.78
CA TYR A 85 -2.55 -5.21 9.72
C TYR A 85 -3.57 -6.21 10.23
N VAL A 86 -4.11 -7.02 9.33
CA VAL A 86 -4.99 -8.13 9.69
C VAL A 86 -4.31 -9.45 9.36
N ALA A 87 -4.20 -10.32 10.36
CA ALA A 87 -3.64 -11.64 10.15
C ALA A 87 -4.72 -12.58 9.63
N LEU A 88 -4.43 -13.26 8.52
CA LEU A 88 -5.34 -14.26 7.96
C LEU A 88 -4.77 -15.64 8.27
N LEU A 89 -5.46 -16.39 9.12
CA LEU A 89 -4.95 -17.65 9.63
C LEU A 89 -5.57 -18.90 9.02
N ASP A 90 -4.75 -19.93 8.88
CA ASP A 90 -5.21 -21.26 8.47
C ASP A 90 -5.89 -21.25 7.10
N ALA A 91 -5.13 -20.87 6.07
CA ALA A 91 -5.56 -21.03 4.69
C ALA A 91 -6.11 -22.44 4.46
N LYS A 92 -7.26 -22.54 3.82
CA LYS A 92 -7.86 -23.84 3.58
C LYS A 92 -7.23 -24.52 2.37
N LYS A 93 -6.77 -23.73 1.41
CA LYS A 93 -6.15 -24.26 0.21
C LYS A 93 -5.18 -23.24 -0.36
N HIS A 94 -4.35 -23.66 -1.31
CA HIS A 94 -3.40 -22.76 -1.95
C HIS A 94 -4.14 -21.66 -2.70
N LEU A 95 -3.70 -20.43 -2.51
CA LEU A 95 -4.33 -19.26 -3.13
C LEU A 95 -3.94 -19.16 -4.60
N GLU A 96 -4.90 -18.75 -5.44
CA GLU A 96 -4.62 -18.49 -6.83
C GLU A 96 -4.39 -16.98 -6.94
N VAL A 97 -3.17 -16.62 -7.33
CA VAL A 97 -2.71 -15.24 -7.24
C VAL A 97 -3.46 -14.22 -8.10
N GLY A 98 -3.63 -14.52 -9.38
CA GLY A 98 -4.22 -13.56 -10.30
C GLY A 98 -5.68 -13.23 -10.03
N TRP A 99 -6.37 -14.14 -9.36
CA TRP A 99 -7.80 -14.00 -9.11
C TRP A 99 -8.23 -13.12 -7.96
N GLY A 100 -7.33 -12.85 -7.02
CA GLY A 100 -7.67 -12.00 -5.90
C GLY A 100 -8.35 -12.84 -4.84
N LEU A 101 -8.68 -12.20 -3.72
CA LEU A 101 -9.31 -12.88 -2.59
C LEU A 101 -10.53 -12.11 -2.11
N GLU A 102 -11.70 -12.74 -2.15
CA GLU A 102 -12.90 -12.09 -1.65
C GLU A 102 -12.92 -12.10 -0.12
N MET A 103 -13.23 -10.94 0.45
CA MET A 103 -13.26 -10.77 1.89
C MET A 103 -14.40 -9.83 2.26
N THR A 104 -14.84 -9.90 3.51
CA THR A 104 -15.81 -8.94 4.03
C THR A 104 -15.21 -8.17 5.21
N LEU A 105 -15.18 -6.84 5.09
CA LEU A 105 -14.75 -5.98 6.17
C LEU A 105 -15.96 -5.55 6.99
N VAL A 106 -15.82 -5.59 8.31
CA VAL A 106 -16.92 -5.23 9.20
C VAL A 106 -16.54 -4.00 10.01
N PHE A 107 -17.26 -2.91 9.77
CA PHE A 107 -17.06 -1.66 10.50
C PHE A 107 -18.16 -1.49 11.54
N GLU A 108 -17.78 -1.00 12.71
CA GLU A 108 -18.70 -0.88 13.84
C GLU A 108 -19.96 -0.10 13.48
N LYS A 109 -19.78 1.02 12.80
CA LYS A 109 -20.91 1.89 12.44
C LYS A 109 -21.35 1.71 10.99
N ALA A 110 -20.39 1.69 10.07
CA ALA A 110 -20.71 1.68 8.65
C ALA A 110 -21.19 0.31 8.17
N GLY A 111 -20.95 -0.73 8.97
CA GLY A 111 -21.41 -2.07 8.63
C GLY A 111 -20.45 -2.81 7.74
N GLU A 112 -20.98 -3.73 6.93
CA GLU A 112 -20.16 -4.63 6.14
C GLU A 112 -19.89 -4.14 4.73
N VAL A 113 -18.70 -4.46 4.23
N VAL A 113 -18.69 -4.41 4.24
CA VAL A 113 -18.33 -4.18 2.85
CA VAL A 113 -18.37 -4.18 2.83
C VAL A 113 -17.60 -5.38 2.27
C VAL A 113 -17.61 -5.37 2.27
N VAL A 114 -18.05 -5.83 1.10
CA VAL A 114 -17.40 -6.93 0.41
C VAL A 114 -16.32 -6.34 -0.49
N ILE A 115 -15.13 -6.91 -0.41
CA ILE A 115 -14.02 -6.45 -1.21
C ILE A 115 -13.34 -7.60 -1.94
N ASP A 116 -12.56 -7.23 -2.94
CA ASP A 116 -11.68 -8.16 -3.61
C ASP A 116 -10.25 -7.68 -3.42
N ALA A 117 -9.52 -8.41 -2.59
CA ALA A 117 -8.15 -8.05 -2.25
C ALA A 117 -7.19 -8.63 -3.27
N ALA A 118 -6.26 -7.80 -3.69
CA ALA A 118 -5.23 -8.23 -4.63
C ALA A 118 -4.12 -8.95 -3.87
N ILE A 119 -3.48 -9.92 -4.53
CA ILE A 119 -2.51 -10.80 -3.88
C ILE A 119 -1.06 -10.51 -4.31
N ASP A 120 -0.20 -10.23 -3.34
CA ASP A 120 1.23 -10.08 -3.56
C ASP A 120 1.92 -11.41 -3.35
N ALA A 121 2.43 -11.99 -4.43
CA ALA A 121 3.11 -13.28 -4.37
C ALA A 121 4.59 -13.13 -4.73
N MET B 2 -6.29 10.89 -9.88
CA MET B 2 -6.74 10.71 -8.51
C MET B 2 -5.66 9.98 -7.71
N HIS B 3 -5.96 8.77 -7.27
CA HIS B 3 -5.01 7.93 -6.54
C HIS B 3 -4.38 6.88 -7.43
N GLU B 4 -4.68 6.93 -8.73
CA GLU B 4 -4.00 6.08 -9.70
C GLU B 4 -3.63 6.89 -10.93
N TYR B 5 -2.47 6.57 -11.50
CA TYR B 5 -1.92 7.29 -12.64
C TYR B 5 -1.54 6.31 -13.73
N ASP B 6 -1.99 6.60 -14.95
CA ASP B 6 -1.69 5.75 -16.10
C ASP B 6 -0.59 6.39 -16.93
N VAL B 7 0.37 5.58 -17.36
CA VAL B 7 1.34 6.02 -18.35
C VAL B 7 1.69 4.84 -19.25
N GLY B 8 1.50 5.02 -20.55
CA GLY B 8 1.56 3.90 -21.48
C GLY B 8 0.62 2.82 -21.01
N LYS B 9 1.13 1.59 -20.93
CA LYS B 9 0.34 0.46 -20.43
C LYS B 9 0.67 0.14 -18.99
N LEU B 10 1.33 1.08 -18.31
CA LEU B 10 1.60 0.97 -16.88
C LEU B 10 0.52 1.68 -16.08
N LYS B 11 0.27 1.17 -14.88
CA LYS B 11 -0.61 1.86 -13.93
C LYS B 11 0.13 1.98 -12.62
N VAL B 12 0.21 3.21 -12.12
CA VAL B 12 0.81 3.47 -10.81
C VAL B 12 -0.35 3.70 -9.85
N GLU B 13 -0.51 2.79 -8.90
CA GLU B 13 -1.67 2.81 -8.05
C GLU B 13 -1.30 3.18 -6.62
N HIS B 14 -2.10 4.08 -6.08
CA HIS B 14 -2.00 4.55 -4.71
C HIS B 14 -0.57 4.84 -4.26
N PRO B 15 0.12 5.72 -5.00
CA PRO B 15 1.44 6.16 -4.54
C PRO B 15 1.34 6.85 -3.19
N TRP B 16 2.26 6.53 -2.30
CA TRP B 16 2.28 7.12 -0.97
C TRP B 16 3.67 7.12 -0.38
N LEU B 17 3.85 7.87 0.68
CA LEU B 17 5.14 7.86 1.36
C LEU B 17 4.97 7.99 2.85
N ARG B 18 5.96 7.46 3.57
CA ARG B 18 6.02 7.60 5.00
C ARG B 18 6.96 8.76 5.31
N ALA B 19 6.40 9.79 5.94
CA ALA B 19 7.15 11.01 6.21
C ALA B 19 8.34 10.73 7.13
N PRO B 20 9.34 11.60 7.10
CA PRO B 20 10.51 11.42 7.96
C PRO B 20 10.10 11.32 9.43
N ALA B 21 10.70 10.39 10.15
CA ALA B 21 10.47 10.27 11.59
C ALA B 21 11.11 11.46 12.30
N ASP B 22 10.86 11.58 13.59
CA ASP B 22 11.38 12.71 14.36
C ASP B 22 12.90 12.70 14.35
N GLY B 23 13.48 13.84 13.98
CA GLY B 23 14.92 14.03 13.91
C GLY B 23 15.54 13.48 12.64
N GLU B 24 14.77 12.72 11.86
CA GLU B 24 15.22 12.22 10.57
C GLU B 24 14.86 13.17 9.42
N LYS B 25 15.63 13.11 8.33
CA LYS B 25 15.37 13.95 7.15
C LYS B 25 15.08 13.11 5.90
N ASN B 26 14.92 11.79 6.06
CA ASN B 26 14.64 10.90 4.95
C ASN B 26 13.21 10.36 4.98
N ALA B 27 12.62 10.20 3.80
CA ALA B 27 11.29 9.60 3.68
C ALA B 27 11.38 8.40 2.75
N SER B 28 10.34 7.57 2.77
CA SER B 28 10.29 6.39 1.92
C SER B 28 9.03 6.42 1.07
N PHE B 29 9.19 6.19 -0.23
CA PHE B 29 8.08 6.26 -1.18
C PHE B 29 7.68 4.87 -1.63
N TYR B 30 6.38 4.65 -1.69
CA TYR B 30 5.77 3.35 -1.93
C TYR B 30 4.66 3.48 -2.96
N ALA B 31 4.37 2.38 -3.64
CA ALA B 31 3.34 2.37 -4.68
C ALA B 31 3.13 0.95 -5.16
N PHE B 32 2.06 0.76 -5.93
CA PHE B 32 1.83 -0.50 -6.63
C PHE B 32 1.90 -0.20 -8.12
N ILE B 33 2.81 -0.86 -8.82
CA ILE B 33 2.99 -0.60 -10.25
C ILE B 33 2.62 -1.84 -11.04
N HIS B 34 1.60 -1.66 -11.88
CA HIS B 34 1.07 -2.73 -12.72
C HIS B 34 1.55 -2.51 -14.14
N ASN B 35 2.18 -3.53 -14.72
CA ASN B 35 2.53 -3.51 -16.12
C ASN B 35 1.54 -4.36 -16.90
N ASN B 36 0.60 -3.70 -17.55
CA ASN B 36 -0.46 -4.37 -18.29
C ASN B 36 -0.08 -4.56 -19.76
N GLY B 37 1.17 -4.28 -20.09
CA GLY B 37 1.64 -4.42 -21.46
C GLY B 37 2.37 -5.74 -21.66
N ASP B 38 2.74 -6.04 -22.91
CA ASP B 38 3.40 -7.30 -23.22
CA ASP B 38 3.40 -7.29 -23.25
C ASP B 38 4.91 -7.13 -23.35
N THR B 39 5.40 -5.94 -23.02
CA THR B 39 6.83 -5.65 -23.03
C THR B 39 7.30 -5.16 -21.66
N PRO B 40 8.55 -5.46 -21.29
CA PRO B 40 9.03 -5.03 -19.98
C PRO B 40 9.31 -3.54 -19.93
N ASP B 41 9.35 -2.98 -18.72
CA ASP B 41 9.76 -1.60 -18.51
C ASP B 41 10.54 -1.52 -17.20
N LYS B 42 10.99 -0.32 -16.85
CA LYS B 42 11.76 -0.12 -15.62
C LYS B 42 11.48 1.26 -15.06
N LEU B 43 11.35 1.35 -13.73
CA LEU B 43 11.40 2.65 -13.07
C LEU B 43 12.88 2.98 -12.87
N VAL B 44 13.37 3.99 -13.57
CA VAL B 44 14.80 4.29 -13.58
C VAL B 44 15.16 5.55 -12.81
N ALA B 45 14.20 6.45 -12.63
CA ALA B 45 14.47 7.69 -11.91
C ALA B 45 13.21 8.28 -11.29
N VAL B 46 13.41 9.07 -10.24
CA VAL B 46 12.34 9.81 -9.60
C VAL B 46 12.81 11.22 -9.35
N LYS B 47 11.99 12.19 -9.75
CA LYS B 47 12.30 13.61 -9.54
C LYS B 47 11.31 14.22 -8.56
N VAL B 48 11.83 14.94 -7.58
CA VAL B 48 11.00 15.55 -6.54
C VAL B 48 11.62 16.86 -6.08
N GLU B 49 10.83 17.92 -6.11
CA GLU B 49 11.35 19.25 -5.83
C GLU B 49 11.56 19.49 -4.33
N LYS B 50 10.72 18.88 -3.50
CA LYS B 50 10.73 19.17 -2.07
C LYS B 50 11.79 18.37 -1.30
N PHE B 51 12.47 17.46 -2.00
CA PHE B 51 13.57 16.70 -1.42
C PHE B 51 14.83 16.95 -2.24
N GLY B 52 15.99 16.73 -1.62
CA GLY B 52 17.25 16.95 -2.30
C GLY B 52 17.46 16.02 -3.48
N SER B 53 17.12 14.74 -3.28
CA SER B 53 17.29 13.71 -4.30
C SER B 53 16.42 12.51 -3.99
N ALA B 54 16.29 11.63 -4.97
CA ALA B 54 15.54 10.39 -4.81
C ALA B 54 16.38 9.23 -5.33
N VAL B 55 16.47 8.17 -4.51
CA VAL B 55 17.28 7.00 -4.84
C VAL B 55 16.39 5.77 -4.87
N ILE B 56 16.37 5.08 -6.02
CA ILE B 56 15.54 3.90 -6.16
C ILE B 56 16.27 2.68 -5.62
N HIS B 57 15.56 1.91 -4.80
CA HIS B 57 16.08 0.68 -4.23
C HIS B 57 15.15 -0.45 -4.67
N GLY B 58 15.35 -0.92 -5.90
CA GLY B 58 14.37 -1.77 -6.55
C GLY B 58 14.68 -3.25 -6.47
N ASP B 59 15.77 -3.60 -5.80
CA ASP B 59 16.15 -4.99 -5.59
C ASP B 59 15.76 -5.37 -4.16
N ALA B 60 14.66 -6.10 -4.02
CA ALA B 60 14.13 -6.44 -2.70
C ALA B 60 15.09 -7.30 -1.89
N LYS B 61 15.92 -8.08 -2.58
CA LYS B 61 16.86 -8.98 -1.92
C LYS B 61 18.06 -8.22 -1.38
N ASN B 62 18.34 -7.06 -1.97
CA ASN B 62 19.40 -6.19 -1.49
C ASN B 62 19.02 -4.71 -1.53
N LEU B 63 18.36 -4.26 -0.47
CA LEU B 63 17.78 -2.93 -0.44
C LEU B 63 18.79 -1.81 -0.20
N ALA B 64 20.02 -2.17 0.18
CA ALA B 64 21.05 -1.16 0.36
C ALA B 64 21.52 -0.63 -0.99
N LEU B 65 21.40 -1.48 -2.02
CA LEU B 65 21.85 -1.12 -3.35
C LEU B 65 20.88 -0.20 -4.08
N GLU B 66 21.44 0.78 -4.78
CA GLU B 66 20.64 1.59 -5.70
C GLU B 66 20.42 0.78 -6.98
N ALA B 67 19.17 0.56 -7.33
CA ALA B 67 18.84 -0.27 -8.48
C ALA B 67 17.44 0.07 -8.98
N PRO B 68 17.24 0.02 -10.31
CA PRO B 68 15.91 0.32 -10.84
C PRO B 68 14.88 -0.73 -10.44
N VAL B 69 13.60 -0.36 -10.49
CA VAL B 69 12.53 -1.33 -10.31
C VAL B 69 12.21 -1.96 -11.66
N LEU B 70 12.47 -3.25 -11.78
CA LEU B 70 12.15 -3.98 -12.99
C LEU B 70 10.66 -4.28 -13.03
N LEU B 71 10.06 -4.08 -14.21
CA LEU B 71 8.62 -4.23 -14.39
C LEU B 71 8.33 -5.23 -15.51
N PRO B 72 8.34 -6.52 -15.19
CA PRO B 72 8.06 -7.55 -16.21
C PRO B 72 6.67 -7.39 -16.81
N PRO B 73 6.49 -7.84 -18.06
CA PRO B 73 5.19 -7.71 -18.71
C PRO B 73 4.10 -8.50 -17.99
N LYS B 74 2.89 -7.97 -17.99
CA LYS B 74 1.74 -8.66 -17.43
C LYS B 74 1.97 -9.07 -15.98
N GLN B 75 2.68 -8.22 -15.25
CA GLN B 75 2.93 -8.44 -13.83
C GLN B 75 2.81 -7.13 -13.07
N LYS B 76 2.66 -7.25 -11.76
CA LYS B 76 2.59 -6.10 -10.88
C LYS B 76 3.73 -6.19 -9.87
N ILE B 77 4.21 -5.04 -9.42
CA ILE B 77 5.29 -4.97 -8.45
C ILE B 77 4.86 -4.06 -7.30
N THR B 78 5.09 -4.52 -6.08
CA THR B 78 4.80 -3.75 -4.88
C THR B 78 6.03 -3.09 -4.31
N LEU B 79 5.96 -1.77 -4.17
CA LEU B 79 6.91 -1.05 -3.34
C LEU B 79 6.23 -0.81 -2.02
N ALA B 80 6.74 -1.42 -0.95
CA ALA B 80 6.11 -1.33 0.36
C ALA B 80 7.17 -1.44 1.44
N PRO B 81 6.85 -1.01 2.67
CA PRO B 81 7.81 -1.11 3.77
C PRO B 81 8.39 -2.51 3.90
N GLY B 82 9.71 -2.60 4.01
CA GLY B 82 10.39 -3.88 4.15
C GLY B 82 10.85 -4.46 2.82
N GLY B 83 10.37 -3.89 1.72
CA GLY B 83 10.71 -4.35 0.39
C GLY B 83 11.24 -3.22 -0.47
N ALA B 84 11.15 -3.38 -1.78
CA ALA B 84 11.60 -2.35 -2.72
C ALA B 84 10.87 -1.03 -2.46
N TYR B 85 11.58 0.07 -2.65
CA TYR B 85 11.03 1.39 -2.36
C TYR B 85 11.94 2.45 -2.97
N VAL B 86 11.49 3.70 -2.92
CA VAL B 86 12.31 4.83 -3.32
C VAL B 86 12.63 5.67 -2.09
N ALA B 87 13.91 5.88 -1.84
CA ALA B 87 14.34 6.72 -0.73
C ALA B 87 14.32 8.19 -1.15
N LEU B 88 13.64 9.01 -0.35
CA LEU B 88 13.59 10.45 -0.58
C LEU B 88 14.47 11.12 0.48
N LEU B 89 15.59 11.69 0.05
CA LEU B 89 16.59 12.21 0.98
C LEU B 89 16.54 13.75 1.07
N ASP B 90 16.86 14.27 2.26
CA ASP B 90 17.02 15.71 2.47
C ASP B 90 15.76 16.54 2.19
N ALA B 91 14.70 16.27 2.94
CA ALA B 91 13.50 17.12 2.95
C ALA B 91 13.86 18.60 3.13
N LYS B 92 13.25 19.46 2.33
CA LYS B 92 13.48 20.90 2.40
C LYS B 92 12.65 21.53 3.52
N LYS B 93 11.55 20.86 3.86
CA LYS B 93 10.66 21.30 4.94
C LYS B 93 9.97 20.14 5.64
N HIS B 94 9.42 20.44 6.81
CA HIS B 94 8.69 19.44 7.59
C HIS B 94 7.42 19.01 6.88
N LEU B 95 7.21 17.70 6.75
CA LEU B 95 6.02 17.17 6.10
C LEU B 95 4.80 17.12 7.01
N GLU B 96 3.67 17.63 6.50
CA GLU B 96 2.36 17.48 7.11
C GLU B 96 1.42 16.62 6.24
N VAL B 97 0.69 15.72 6.89
CA VAL B 97 -0.10 14.69 6.20
C VAL B 97 -1.07 15.23 5.16
N GLY B 98 -1.77 16.30 5.49
CA GLY B 98 -2.78 16.85 4.61
C GLY B 98 -2.18 17.31 3.31
N TRP B 99 -0.87 17.51 3.31
CA TRP B 99 -0.16 17.96 2.12
C TRP B 99 -0.01 16.75 1.24
N GLY B 100 0.15 16.96 -0.06
CA GLY B 100 0.46 15.88 -0.96
C GLY B 100 1.89 16.15 -1.37
N LEU B 101 2.49 15.24 -2.13
CA LEU B 101 3.85 15.46 -2.61
C LEU B 101 3.88 15.19 -4.10
N GLU B 102 4.18 16.23 -4.87
CA GLU B 102 4.29 16.08 -6.31
C GLU B 102 5.62 15.43 -6.64
N MET B 103 5.58 14.43 -7.50
CA MET B 103 6.77 13.70 -7.93
C MET B 103 6.63 13.38 -9.40
N THR B 104 7.75 13.17 -10.07
CA THR B 104 7.75 12.69 -11.43
C THR B 104 8.46 11.34 -11.45
N LEU B 105 7.74 10.32 -11.91
CA LEU B 105 8.32 9.01 -12.09
C LEU B 105 8.79 8.89 -13.53
N VAL B 106 9.99 8.36 -13.73
CA VAL B 106 10.56 8.22 -15.05
C VAL B 106 10.74 6.75 -15.37
N PHE B 107 10.01 6.29 -16.38
CA PHE B 107 10.10 4.91 -16.84
C PHE B 107 10.91 4.86 -18.13
N GLU B 108 11.75 3.84 -18.28
CA GLU B 108 12.66 3.74 -19.42
C GLU B 108 11.93 3.82 -20.75
N LYS B 109 10.81 3.09 -20.87
CA LYS B 109 10.06 3.02 -22.11
C LYS B 109 8.83 3.94 -22.12
N ALA B 110 8.06 3.90 -21.04
CA ALA B 110 6.78 4.60 -20.99
C ALA B 110 6.93 6.12 -20.82
N GLY B 111 8.11 6.56 -20.41
CA GLY B 111 8.38 7.97 -20.24
C GLY B 111 8.00 8.47 -18.85
N GLU B 112 7.73 9.77 -18.76
CA GLU B 112 7.50 10.42 -17.46
C GLU B 112 6.02 10.56 -17.13
N VAL B 113 5.71 10.46 -15.84
CA VAL B 113 4.36 10.73 -15.35
C VAL B 113 4.45 11.50 -14.04
N VAL B 114 3.69 12.59 -13.95
CA VAL B 114 3.63 13.37 -12.72
C VAL B 114 2.53 12.82 -11.84
N ILE B 115 2.86 12.61 -10.56
CA ILE B 115 1.93 12.05 -9.60
C ILE B 115 1.86 12.93 -8.36
N ASP B 116 0.80 12.72 -7.58
CA ASP B 116 0.67 13.36 -6.28
C ASP B 116 0.62 12.25 -5.25
N ALA B 117 1.69 12.11 -4.48
CA ALA B 117 1.79 11.04 -3.50
C ALA B 117 1.15 11.47 -2.19
N ALA B 118 0.36 10.58 -1.62
CA ALA B 118 -0.29 10.86 -0.35
C ALA B 118 0.69 10.61 0.80
N ILE B 119 0.58 11.37 1.88
CA ILE B 119 1.57 11.33 2.95
C ILE B 119 1.10 10.68 4.25
N ASP B 120 1.84 9.65 4.66
CA ASP B 120 1.68 9.00 5.97
C ASP B 120 2.72 9.55 6.95
N ALA B 121 2.30 10.28 7.98
CA ALA B 121 3.24 10.84 8.96
C ALA B 121 3.24 10.32 10.42
N PRO B 122 2.10 9.80 10.96
CA PRO B 122 1.99 9.48 12.40
C PRO B 122 3.28 9.16 13.17
S SCN C . -1.39 -5.24 -6.23
C SCN C . -0.55 -6.35 -5.09
N SCN C . 0.00 -7.09 -4.35
S SCN D . -3.30 7.35 2.22
C SCN D . -1.70 7.40 3.05
N SCN D . -0.66 7.44 3.59
CU CU E . -5.24 6.23 0.50
CU CU F . -2.25 -2.76 -7.36
#